data_8WZY
#
_entry.id   8WZY
#
_cell.length_a   179.745
_cell.length_b   42.002
_cell.length_c   43.557
_cell.angle_alpha   90.00
_cell.angle_beta   90.00
_cell.angle_gamma   90.00
#
_symmetry.space_group_name_H-M   'P 21 2 21'
#
loop_
_entity.id
_entity.type
_entity.pdbx_description
1 polymer Dihydroorotase
2 non-polymer 1,2-ETHANEDIOL
3 non-polymer 'ZINC ION'
4 water water
#
_entity_poly.entity_id   1
_entity_poly.type   'polypeptide(L)'
_entity_poly.pdbx_seq_one_letter_code
;MFDLLLRRARLVDDTLTDIAIQDGKIAALGEISAPSRKTIDLQGNSYVSAGWIDSHVHCYPNSPIYHDEPDSVGIATGVT
TVIDAGSTGADDVDDFYQLTRKAVTEVYALLNISRVGLIAQNELANLANIDAEAVKQAVQRHPDFIVGL(KCX)ARMSSS
VVGENGITPLARAKTMQQENGDLPLMVHIGNNPPNLDEIAELLSRGDIITHCYNGKPNRILNPAGELRSSITRALHRGVR
LDVGHGTASFSFEVARRAIALGILPHTISSDIYCRNRIDGPVRSLALVMSKFLAIGMTLPQVIDCVTVSAAEGLRLSRKG
RLEAGFDADLTLFRLERQPTLLVDAEKESLQADNILVPLAAIRAGKGYLTEQGSAEHAFDF
;
_entity_poly.pdbx_strand_id   A
#
# COMPACT_ATOMS: atom_id res chain seq x y z
N MET A 1 16.20 -26.48 -15.24
CA MET A 1 15.49 -25.82 -16.33
C MET A 1 14.44 -24.85 -15.76
N PHE A 2 14.45 -23.60 -16.21
CA PHE A 2 13.63 -22.58 -15.56
C PHE A 2 12.15 -22.78 -15.87
N ASP A 3 11.31 -22.35 -14.93
CA ASP A 3 9.86 -22.33 -15.17
C ASP A 3 9.47 -21.15 -16.04
N LEU A 4 10.10 -20.00 -15.83
CA LEU A 4 9.75 -18.83 -16.62
C LEU A 4 10.98 -17.96 -16.78
N LEU A 5 11.18 -17.41 -17.97
CA LEU A 5 12.35 -16.56 -18.25
C LEU A 5 11.90 -15.32 -18.99
N LEU A 6 12.17 -14.15 -18.42
CA LEU A 6 11.88 -12.87 -19.04
C LEU A 6 13.18 -12.31 -19.59
N ARG A 7 13.23 -12.13 -20.90
CA ARG A 7 14.43 -11.67 -21.56
C ARG A 7 14.26 -10.22 -21.99
N ARG A 8 15.32 -9.43 -21.84
CA ARG A 8 15.34 -8.05 -22.28
C ARG A 8 14.26 -7.22 -21.57
N ALA A 9 14.09 -7.51 -20.28
CA ALA A 9 13.28 -6.68 -19.41
C ALA A 9 14.03 -5.41 -19.08
N ARG A 10 13.30 -4.34 -18.82
CA ARG A 10 13.91 -3.10 -18.41
C ARG A 10 13.68 -2.90 -16.92
N LEU A 11 14.77 -2.68 -16.18
CA LEU A 11 14.63 -2.31 -14.79
C LEU A 11 14.34 -0.81 -14.71
N VAL A 12 13.92 -0.35 -13.53
CA VAL A 12 13.53 1.05 -13.38
C VAL A 12 14.70 2.01 -13.50
N ASP A 13 15.93 1.53 -13.48
CA ASP A 13 17.06 2.37 -13.81
C ASP A 13 17.35 2.39 -15.31
N ASP A 14 16.46 1.76 -16.11
CA ASP A 14 16.45 1.68 -17.57
C ASP A 14 17.49 0.72 -18.14
N THR A 15 18.12 -0.11 -17.33
CA THR A 15 19.03 -1.11 -17.88
C THR A 15 18.26 -2.34 -18.33
N LEU A 16 18.82 -3.04 -19.33
CA LEU A 16 18.21 -4.25 -19.85
C LEU A 16 18.76 -5.46 -19.09
N THR A 17 17.89 -6.40 -18.76
CA THR A 17 18.35 -7.59 -18.04
C THR A 17 17.37 -8.72 -18.25
N ASP A 18 17.79 -9.91 -17.85
CA ASP A 18 16.99 -11.12 -17.89
C ASP A 18 16.64 -11.52 -16.46
N ILE A 19 15.46 -12.12 -16.29
CA ILE A 19 14.94 -12.56 -15.00
C ILE A 19 14.44 -13.99 -15.12
N ALA A 20 15.08 -14.92 -14.40
CA ALA A 20 14.70 -16.32 -14.40
C ALA A 20 13.97 -16.67 -13.11
N ILE A 21 12.89 -17.43 -13.26
CA ILE A 21 11.98 -17.84 -12.20
C ILE A 21 11.91 -19.36 -12.19
N GLN A 22 12.07 -19.94 -11.01
CA GLN A 22 12.03 -21.38 -10.82
C GLN A 22 11.31 -21.67 -9.51
N ASP A 23 10.28 -22.51 -9.58
CA ASP A 23 9.59 -23.01 -8.39
C ASP A 23 9.04 -21.87 -7.53
N GLY A 24 8.38 -20.92 -8.19
CA GLY A 24 7.75 -19.81 -7.50
C GLY A 24 8.68 -18.81 -6.86
N LYS A 25 9.99 -18.88 -7.16
CA LYS A 25 10.98 -17.99 -6.58
C LYS A 25 11.78 -17.33 -7.70
N ILE A 26 12.35 -16.17 -7.42
CA ILE A 26 13.29 -15.59 -8.38
C ILE A 26 14.56 -16.43 -8.36
N ALA A 27 14.92 -16.98 -9.52
CA ALA A 27 16.08 -17.85 -9.61
C ALA A 27 17.36 -17.07 -9.92
N ALA A 28 17.25 -16.09 -10.82
CA ALA A 28 18.47 -15.38 -11.23
C ALA A 28 18.09 -14.10 -11.94
N LEU A 29 19.02 -13.13 -11.91
CA LEU A 29 18.92 -11.90 -12.67
C LEU A 29 20.25 -11.61 -13.34
N GLY A 30 20.20 -11.10 -14.56
CA GLY A 30 21.40 -10.74 -15.30
C GLY A 30 21.37 -11.26 -16.72
N GLU A 31 22.54 -11.63 -17.24
CA GLU A 31 22.65 -12.27 -18.55
C GLU A 31 22.50 -13.77 -18.35
N ILE A 32 21.46 -14.34 -18.94
CA ILE A 32 21.06 -15.72 -18.67
C ILE A 32 20.98 -16.52 -19.97
N SER A 33 21.68 -17.66 -20.00
CA SER A 33 21.65 -18.56 -21.15
C SER A 33 21.02 -19.91 -20.85
N ALA A 34 20.83 -20.27 -19.57
CA ALA A 34 20.25 -21.55 -19.22
C ALA A 34 18.86 -21.70 -19.82
N PRO A 35 18.39 -22.93 -20.03
CA PRO A 35 17.08 -23.13 -20.68
C PRO A 35 15.92 -22.85 -19.74
N SER A 36 14.76 -22.61 -20.35
CA SER A 36 13.52 -22.33 -19.64
C SER A 36 12.37 -23.03 -20.35
N ARG A 37 11.36 -23.44 -19.56
CA ARG A 37 10.17 -24.04 -20.14
C ARG A 37 9.31 -23.01 -20.87
N LYS A 38 9.48 -21.74 -20.53
CA LYS A 38 8.71 -20.66 -21.13
C LYS A 38 9.56 -19.41 -21.12
N THR A 39 9.70 -18.77 -22.27
CA THR A 39 10.51 -17.57 -22.37
C THR A 39 9.68 -16.46 -23.01
N ILE A 40 9.76 -15.26 -22.43
CA ILE A 40 9.07 -14.08 -22.95
C ILE A 40 10.12 -13.01 -23.22
N ASP A 41 10.08 -12.45 -24.42
CA ASP A 41 10.98 -11.38 -24.83
C ASP A 41 10.23 -10.06 -24.70
N LEU A 42 10.59 -9.26 -23.70
CA LEU A 42 9.91 -7.98 -23.50
C LEU A 42 10.40 -6.87 -24.43
N GLN A 43 11.45 -7.14 -25.21
CA GLN A 43 11.93 -6.25 -26.28
C GLN A 43 12.19 -4.82 -25.79
N GLY A 44 12.69 -4.70 -24.58
CA GLY A 44 13.01 -3.40 -24.01
C GLY A 44 11.84 -2.44 -23.89
N ASN A 45 10.61 -2.93 -24.06
CA ASN A 45 9.44 -2.05 -24.13
C ASN A 45 8.53 -2.19 -22.91
N SER A 46 9.01 -2.82 -21.84
CA SER A 46 8.24 -2.89 -20.60
C SER A 46 9.19 -2.93 -19.42
N TYR A 47 8.87 -2.15 -18.39
CA TYR A 47 9.56 -2.28 -17.12
C TYR A 47 9.08 -3.53 -16.39
N VAL A 48 10.00 -4.10 -15.60
CA VAL A 48 9.69 -5.15 -14.64
C VAL A 48 10.22 -4.71 -13.30
N SER A 49 9.39 -4.82 -12.26
CA SER A 49 9.86 -4.57 -10.91
C SER A 49 9.37 -5.71 -10.03
N ALA A 50 9.85 -5.73 -8.78
CA ALA A 50 9.21 -6.59 -7.80
C ALA A 50 7.72 -6.30 -7.77
N GLY A 51 6.92 -7.32 -7.46
CA GLY A 51 5.48 -7.18 -7.45
C GLY A 51 5.07 -6.02 -6.57
N TRP A 52 4.22 -5.12 -7.08
CA TRP A 52 3.83 -3.96 -6.29
C TRP A 52 3.03 -4.39 -5.06
N ILE A 53 3.27 -3.69 -3.96
CA ILE A 53 2.59 -3.91 -2.70
C ILE A 53 1.81 -2.65 -2.37
N ASP A 54 0.51 -2.80 -2.14
CA ASP A 54 -0.36 -1.69 -1.74
C ASP A 54 -0.62 -1.85 -0.23
N SER A 55 0.01 -0.99 0.56
CA SER A 55 0.01 -1.12 2.02
C SER A 55 -1.28 -0.62 2.68
N HIS A 56 -2.28 -0.21 1.91
CA HIS A 56 -3.45 0.43 2.49
C HIS A 56 -4.61 0.27 1.51
N VAL A 57 -5.34 -0.83 1.62
CA VAL A 57 -6.53 -1.07 0.81
C VAL A 57 -7.67 -1.45 1.74
N HIS A 58 -8.87 -1.51 1.17
CA HIS A 58 -10.04 -2.10 1.83
C HIS A 58 -10.63 -3.13 0.89
N CYS A 59 -10.32 -4.39 1.13
CA CYS A 59 -10.72 -5.45 0.23
C CYS A 59 -11.48 -6.56 0.96
N TYR A 60 -12.22 -6.20 2.01
CA TYR A 60 -13.09 -7.14 2.69
C TYR A 60 -14.46 -7.08 2.01
N PRO A 61 -14.84 -8.09 1.23
CA PRO A 61 -16.06 -7.97 0.41
C PRO A 61 -17.32 -7.70 1.22
N ASN A 62 -17.36 -8.09 2.49
CA ASN A 62 -18.57 -7.96 3.29
C ASN A 62 -18.60 -6.69 4.14
N SER A 63 -17.61 -5.83 4.03
CA SER A 63 -17.62 -4.55 4.74
C SER A 63 -18.73 -3.67 4.19
N PRO A 64 -19.57 -3.08 5.06
CA PRO A 64 -20.78 -2.39 4.54
C PRO A 64 -20.48 -1.20 3.62
N ILE A 65 -19.44 -0.41 3.90
CA ILE A 65 -19.16 0.81 3.14
C ILE A 65 -17.88 0.67 2.31
N TYR A 66 -16.75 0.39 2.95
CA TYR A 66 -15.47 0.32 2.27
C TYR A 66 -15.16 -1.14 1.98
N HIS A 67 -15.69 -1.63 0.87
CA HIS A 67 -15.49 -3.01 0.44
C HIS A 67 -14.91 -3.05 -0.96
N ASP A 68 -14.21 -4.15 -1.24
CA ASP A 68 -13.76 -4.47 -2.59
C ASP A 68 -13.31 -5.91 -2.59
N GLU A 69 -13.11 -6.45 -3.80
CA GLU A 69 -12.57 -7.79 -3.96
C GLU A 69 -11.04 -7.73 -4.00
N PRO A 70 -10.36 -8.60 -3.26
CA PRO A 70 -8.88 -8.56 -3.30
C PRO A 70 -8.30 -8.57 -4.70
N ASP A 71 -8.85 -9.37 -5.61
CA ASP A 71 -8.24 -9.44 -6.92
C ASP A 71 -8.59 -8.24 -7.79
N SER A 72 -9.70 -7.55 -7.47
CA SER A 72 -9.98 -6.29 -8.16
C SER A 72 -8.99 -5.20 -7.79
N VAL A 73 -8.49 -5.19 -6.55
CA VAL A 73 -7.47 -4.21 -6.17
C VAL A 73 -6.07 -4.78 -6.23
N GLY A 74 -5.93 -6.07 -6.49
CA GLY A 74 -4.62 -6.68 -6.61
C GLY A 74 -4.20 -6.92 -8.05
N ILE A 75 -4.06 -8.21 -8.42
CA ILE A 75 -3.52 -8.63 -9.72
C ILE A 75 -4.16 -7.92 -10.89
N ALA A 76 -5.47 -7.62 -10.81
CA ALA A 76 -6.11 -6.95 -11.94
C ALA A 76 -5.47 -5.59 -12.23
N THR A 77 -4.84 -4.96 -11.23
CA THR A 77 -4.13 -3.70 -11.42
C THR A 77 -2.61 -3.86 -11.37
N GLY A 78 -2.11 -5.07 -11.46
CA GLY A 78 -0.67 -5.30 -11.39
C GLY A 78 -0.10 -5.43 -9.99
N VAL A 79 -0.94 -5.35 -8.96
CA VAL A 79 -0.48 -5.37 -7.58
C VAL A 79 -0.51 -6.80 -7.06
N THR A 80 0.62 -7.28 -6.54
CA THR A 80 0.71 -8.69 -6.16
C THR A 80 0.44 -8.95 -4.68
N THR A 81 0.61 -7.93 -3.83
CA THR A 81 0.24 -8.04 -2.43
C THR A 81 -0.57 -6.82 -2.02
N VAL A 82 -1.68 -7.04 -1.33
CA VAL A 82 -2.48 -5.94 -0.78
C VAL A 82 -2.57 -6.14 0.72
N ILE A 83 -2.64 -5.02 1.46
CA ILE A 83 -2.71 -5.06 2.92
C ILE A 83 -3.96 -4.30 3.32
N ASP A 84 -4.95 -5.02 3.83
CA ASP A 84 -6.20 -4.42 4.25
C ASP A 84 -5.99 -3.62 5.53
N ALA A 85 -6.40 -2.35 5.50
CA ALA A 85 -6.02 -1.40 6.54
C ALA A 85 -7.12 -1.34 7.60
N GLY A 86 -7.29 -2.46 8.29
CA GLY A 86 -8.22 -2.50 9.39
C GLY A 86 -9.69 -2.44 9.04
N SER A 87 -10.10 -3.05 7.91
CA SER A 87 -11.52 -3.18 7.61
C SER A 87 -12.22 -4.08 8.63
N THR A 88 -11.50 -5.08 9.14
CA THR A 88 -12.03 -5.99 10.14
C THR A 88 -11.25 -5.87 11.44
N GLY A 89 -11.96 -6.01 12.55
CA GLY A 89 -11.37 -6.34 13.82
C GLY A 89 -11.50 -7.84 14.08
N ALA A 90 -11.41 -8.20 15.36
CA ALA A 90 -11.50 -9.61 15.73
C ALA A 90 -12.85 -10.21 15.36
N ASP A 91 -13.90 -9.38 15.29
CA ASP A 91 -15.25 -9.89 15.03
C ASP A 91 -15.35 -10.52 13.64
N ASP A 92 -14.74 -9.92 12.62
CA ASP A 92 -14.93 -10.39 11.25
C ASP A 92 -13.64 -10.91 10.61
N VAL A 93 -12.54 -11.03 11.36
CA VAL A 93 -11.27 -11.35 10.70
C VAL A 93 -11.25 -12.78 10.21
N ASP A 94 -11.95 -13.70 10.90
CA ASP A 94 -11.99 -15.09 10.46
C ASP A 94 -12.65 -15.21 9.09
N ASP A 95 -13.82 -14.59 8.93
CA ASP A 95 -14.53 -14.65 7.65
C ASP A 95 -13.71 -14.00 6.55
N PHE A 96 -13.07 -12.87 6.86
CA PHE A 96 -12.14 -12.25 5.92
C PHE A 96 -11.07 -13.24 5.46
N TYR A 97 -10.39 -13.87 6.41
CA TYR A 97 -9.34 -14.84 6.09
C TYR A 97 -9.86 -15.96 5.18
N GLN A 98 -11.03 -16.51 5.54
CA GLN A 98 -11.59 -17.63 4.77
C GLN A 98 -11.94 -17.21 3.35
N LEU A 99 -12.49 -16.02 3.18
CA LEU A 99 -12.80 -15.55 1.83
C LEU A 99 -11.53 -15.30 1.02
N THR A 100 -10.49 -14.76 1.66
CA THR A 100 -9.27 -14.46 0.92
C THR A 100 -8.45 -15.70 0.58
N ARG A 101 -8.72 -16.85 1.21
CA ARG A 101 -7.97 -18.05 0.85
C ARG A 101 -7.95 -18.30 -0.66
N LYS A 102 -9.01 -17.93 -1.38
CA LYS A 102 -9.07 -18.19 -2.81
C LYS A 102 -8.36 -17.14 -3.67
N ALA A 103 -8.10 -15.95 -3.14
CA ALA A 103 -7.58 -14.86 -3.96
C ALA A 103 -6.24 -15.22 -4.59
N VAL A 104 -6.06 -14.79 -5.84
CA VAL A 104 -4.75 -14.91 -6.47
C VAL A 104 -3.77 -13.93 -5.81
N THR A 105 -4.24 -12.72 -5.55
CA THR A 105 -3.44 -11.74 -4.82
C THR A 105 -3.07 -12.24 -3.45
N GLU A 106 -1.83 -11.98 -3.03
CA GLU A 106 -1.44 -12.20 -1.64
C GLU A 106 -2.11 -11.13 -0.77
N VAL A 107 -2.90 -11.56 0.19
CA VAL A 107 -3.70 -10.68 1.02
C VAL A 107 -3.22 -10.80 2.45
N TYR A 108 -2.84 -9.68 3.05
CA TYR A 108 -2.58 -9.61 4.48
C TYR A 108 -3.52 -8.56 5.05
N ALA A 109 -3.67 -8.57 6.37
CA ALA A 109 -4.58 -7.63 7.00
C ALA A 109 -3.89 -6.94 8.18
N LEU A 110 -4.16 -5.66 8.30
CA LEU A 110 -3.98 -4.95 9.56
C LEU A 110 -5.26 -5.11 10.37
N LEU A 111 -5.13 -5.56 11.62
CA LEU A 111 -6.31 -5.76 12.46
C LEU A 111 -6.69 -4.44 13.11
N ASN A 112 -7.94 -4.01 12.91
CA ASN A 112 -8.44 -2.82 13.58
C ASN A 112 -8.40 -3.05 15.09
N ILE A 113 -7.93 -2.04 15.83
CA ILE A 113 -7.90 -2.20 17.28
C ILE A 113 -9.29 -2.29 17.86
N SER A 114 -10.31 -1.87 17.11
CA SER A 114 -11.69 -2.00 17.55
C SER A 114 -12.26 -3.31 17.02
N ARG A 115 -12.88 -4.09 17.92
CA ARG A 115 -13.38 -5.42 17.57
C ARG A 115 -14.31 -5.38 16.37
N VAL A 116 -15.11 -4.31 16.21
CA VAL A 116 -16.11 -4.29 15.16
C VAL A 116 -15.59 -3.82 13.81
N GLY A 117 -14.35 -3.33 13.73
CA GLY A 117 -13.76 -2.98 12.43
C GLY A 117 -14.44 -1.77 11.80
N LEU A 118 -14.58 -1.81 10.47
CA LEU A 118 -15.28 -0.75 9.76
C LEU A 118 -16.75 -1.09 9.53
N ILE A 119 -17.32 -1.97 10.35
CA ILE A 119 -18.77 -2.19 10.33
C ILE A 119 -19.52 -0.89 10.56
N ALA A 120 -18.98 -0.02 11.41
CA ALA A 120 -19.48 1.32 11.64
C ALA A 120 -18.37 2.32 11.38
N GLN A 121 -18.76 3.58 11.15
CA GLN A 121 -17.80 4.65 10.90
C GLN A 121 -17.24 5.25 12.18
N ASN A 122 -17.75 4.86 13.35
CA ASN A 122 -17.29 5.40 14.62
C ASN A 122 -16.77 4.29 15.53
N GLU A 123 -15.86 3.46 15.01
CA GLU A 123 -15.52 2.21 15.68
C GLU A 123 -14.72 2.42 16.97
N LEU A 124 -14.11 3.59 17.17
CA LEU A 124 -13.39 3.88 18.40
C LEU A 124 -14.23 4.68 19.40
N ALA A 125 -15.50 4.95 19.09
CA ALA A 125 -16.33 5.76 19.98
C ALA A 125 -16.63 5.02 21.28
N ASN A 126 -16.74 3.70 21.23
CA ASN A 126 -16.99 2.88 22.39
C ASN A 126 -15.69 2.22 22.81
N LEU A 127 -15.22 2.54 24.02
CA LEU A 127 -13.99 1.94 24.50
C LEU A 127 -14.12 0.43 24.67
N ALA A 128 -15.33 -0.06 24.95
CA ALA A 128 -15.50 -1.50 25.13
C ALA A 128 -15.13 -2.29 23.89
N ASN A 129 -15.26 -1.69 22.70
CA ASN A 129 -14.89 -2.38 21.48
C ASN A 129 -13.39 -2.45 21.28
N ILE A 130 -12.63 -1.56 21.92
CA ILE A 130 -11.18 -1.60 21.83
C ILE A 130 -10.69 -2.61 22.86
N ASP A 131 -10.78 -3.90 22.49
CA ASP A 131 -10.62 -5.00 23.42
C ASP A 131 -9.30 -5.69 23.17
N ALA A 132 -8.42 -5.71 24.18
CA ALA A 132 -7.09 -6.28 24.00
C ALA A 132 -7.13 -7.79 23.85
N GLU A 133 -7.96 -8.47 24.64
CA GLU A 133 -7.98 -9.93 24.59
C GLU A 133 -8.52 -10.45 23.26
N ALA A 134 -9.52 -9.78 22.70
CA ALA A 134 -10.02 -10.16 21.39
C ALA A 134 -8.92 -10.08 20.34
N VAL A 135 -8.10 -9.03 20.41
CA VAL A 135 -7.04 -8.88 19.43
C VAL A 135 -5.91 -9.88 19.66
N LYS A 136 -5.58 -10.14 20.92
CA LYS A 136 -4.60 -11.20 21.20
C LYS A 136 -5.06 -12.52 20.61
N GLN A 137 -6.33 -12.88 20.86
CA GLN A 137 -6.86 -14.14 20.34
C GLN A 137 -6.83 -14.15 18.81
N ALA A 138 -7.24 -13.04 18.19
CA ALA A 138 -7.24 -12.98 16.73
C ALA A 138 -5.84 -13.16 16.17
N VAL A 139 -4.85 -12.50 16.78
CA VAL A 139 -3.47 -12.60 16.32
C VAL A 139 -2.97 -14.03 16.46
N GLN A 140 -3.23 -14.66 17.60
CA GLN A 140 -2.83 -16.05 17.79
C GLN A 140 -3.50 -16.95 16.75
N ARG A 141 -4.73 -16.60 16.35
CA ARG A 141 -5.49 -17.45 15.43
C ARG A 141 -4.94 -17.35 14.01
N HIS A 142 -4.49 -16.16 13.60
CA HIS A 142 -4.01 -15.93 12.23
C HIS A 142 -2.64 -15.25 12.31
N PRO A 143 -1.61 -15.99 12.74
CA PRO A 143 -0.30 -15.35 12.93
C PRO A 143 0.35 -14.87 11.65
N ASP A 144 0.02 -15.46 10.50
CA ASP A 144 0.65 -15.03 9.25
C ASP A 144 -0.24 -14.10 8.42
N PHE A 145 -1.55 -14.13 8.64
CA PHE A 145 -2.45 -13.26 7.89
C PHE A 145 -2.43 -11.84 8.43
N ILE A 146 -2.46 -11.69 9.74
CA ILE A 146 -2.44 -10.37 10.38
C ILE A 146 -1.00 -9.90 10.50
N VAL A 147 -0.69 -8.78 9.84
CA VAL A 147 0.68 -8.26 9.81
C VAL A 147 0.85 -6.99 10.63
N GLY A 148 -0.20 -6.50 11.28
CA GLY A 148 -0.09 -5.32 12.11
C GLY A 148 -1.45 -4.84 12.56
N LEU A 149 -1.46 -3.64 13.13
CA LEU A 149 -2.67 -3.08 13.74
C LEU A 149 -3.07 -1.77 13.06
N ALA A 151 -5.23 1.93 13.65
CA ALA A 151 -6.00 2.82 14.50
C ALA A 151 -6.33 4.09 13.73
N ARG A 152 -7.62 4.38 13.55
CA ARG A 152 -8.05 5.58 12.83
C ARG A 152 -8.29 6.70 13.84
N MET A 153 -7.29 7.55 14.03
CA MET A 153 -7.31 8.52 15.11
C MET A 153 -7.77 9.86 14.54
N SER A 154 -9.08 10.05 14.47
CA SER A 154 -9.66 11.29 13.99
C SER A 154 -10.98 11.53 14.71
N SER A 155 -11.56 12.70 14.48
CA SER A 155 -12.68 13.16 15.29
C SER A 155 -13.88 12.23 15.19
N SER A 156 -14.29 11.89 13.97
CA SER A 156 -15.48 11.09 13.73
C SER A 156 -15.35 9.63 14.14
N VAL A 157 -14.16 9.21 14.59
CA VAL A 157 -13.90 7.82 14.92
C VAL A 157 -13.77 7.61 16.43
N VAL A 158 -13.05 8.51 17.11
CA VAL A 158 -12.83 8.32 18.55
C VAL A 158 -13.98 8.81 19.39
N GLY A 159 -14.92 9.56 18.82
CA GLY A 159 -16.00 10.12 19.62
C GLY A 159 -15.43 11.04 20.69
N GLU A 160 -15.70 10.70 21.95
CA GLU A 160 -15.26 11.49 23.09
C GLU A 160 -14.03 10.90 23.78
N ASN A 161 -13.34 9.96 23.14
CA ASN A 161 -12.19 9.33 23.76
C ASN A 161 -10.86 10.01 23.42
N GLY A 162 -10.84 10.87 22.42
CA GLY A 162 -9.63 11.63 22.13
C GLY A 162 -8.43 10.74 21.85
N ILE A 163 -7.38 10.90 22.65
CA ILE A 163 -6.11 10.21 22.42
C ILE A 163 -6.06 8.83 23.08
N THR A 164 -7.05 8.48 23.89
CA THR A 164 -7.00 7.23 24.63
C THR A 164 -6.87 5.98 23.74
N PRO A 165 -7.59 5.87 22.61
CA PRO A 165 -7.41 4.65 21.79
C PRO A 165 -5.99 4.40 21.33
N LEU A 166 -5.23 5.45 20.98
CA LEU A 166 -3.86 5.24 20.51
C LEU A 166 -3.00 4.65 21.62
N ALA A 167 -3.12 5.19 22.84
CA ALA A 167 -2.50 4.55 23.99
C ALA A 167 -2.81 3.06 24.00
N ARG A 168 -4.10 2.72 23.90
CA ARG A 168 -4.48 1.31 23.89
C ARG A 168 -3.78 0.57 22.75
N ALA A 169 -3.81 1.16 21.55
CA ALA A 169 -3.18 0.52 20.40
C ALA A 169 -1.71 0.24 20.70
N LYS A 170 -1.03 1.20 21.33
CA LYS A 170 0.37 0.98 21.66
C LYS A 170 0.52 -0.21 22.60
N THR A 171 -0.28 -0.22 23.68
CA THR A 171 -0.25 -1.36 24.59
C THR A 171 -0.49 -2.64 23.81
N MET A 172 -1.48 -2.59 22.93
CA MET A 172 -1.84 -3.75 22.13
C MET A 172 -0.65 -4.19 21.28
N GLN A 173 0.03 -3.22 20.66
CA GLN A 173 1.24 -3.52 19.93
C GLN A 173 2.22 -4.33 20.77
N GLN A 174 2.52 -3.83 21.98
CA GLN A 174 3.48 -4.49 22.84
C GLN A 174 3.07 -5.93 23.12
N GLU A 175 1.77 -6.18 23.26
CA GLU A 175 1.34 -7.50 23.66
C GLU A 175 1.35 -8.50 22.52
N ASN A 176 1.63 -8.07 21.28
CA ASN A 176 1.56 -8.97 20.14
C ASN A 176 2.86 -8.89 19.34
N GLY A 177 3.97 -9.16 20.00
CA GLY A 177 5.26 -9.24 19.31
C GLY A 177 5.65 -7.98 18.59
N ASP A 178 5.20 -6.81 19.05
CA ASP A 178 5.59 -5.52 18.49
C ASP A 178 5.24 -5.42 17.01
N LEU A 179 4.02 -5.85 16.68
CA LEU A 179 3.52 -5.71 15.32
C LEU A 179 3.54 -4.24 14.89
N PRO A 180 3.77 -3.97 13.61
CA PRO A 180 3.64 -2.60 13.11
C PRO A 180 2.24 -2.05 13.37
N LEU A 181 2.17 -0.75 13.61
CA LEU A 181 0.92 -0.06 13.88
C LEU A 181 0.73 1.06 12.87
N MET A 182 -0.39 1.03 12.14
CA MET A 182 -0.75 2.08 11.20
C MET A 182 -1.79 3.00 11.82
N VAL A 183 -1.50 4.30 11.80
CA VAL A 183 -2.32 5.32 12.44
C VAL A 183 -2.83 6.23 11.34
N HIS A 184 -4.15 6.32 11.21
CA HIS A 184 -4.77 7.25 10.29
C HIS A 184 -4.91 8.60 10.97
N ILE A 185 -4.70 9.67 10.19
CA ILE A 185 -4.84 11.04 10.66
C ILE A 185 -5.74 11.81 9.69
N GLY A 186 -6.34 12.88 10.20
CA GLY A 186 -7.20 13.71 9.40
C GLY A 186 -7.75 14.90 10.17
N ASN A 187 -8.94 14.75 10.74
CA ASN A 187 -9.56 15.81 11.50
C ASN A 187 -9.21 15.69 12.98
N ASN A 188 -9.15 16.82 13.66
CA ASN A 188 -8.92 16.88 15.10
C ASN A 188 -10.22 17.17 15.83
N PRO A 189 -10.32 16.85 17.12
CA PRO A 189 -9.34 16.19 18.00
C PRO A 189 -9.22 14.70 17.72
N PRO A 190 -8.15 14.03 18.15
CA PRO A 190 -6.98 14.57 18.86
C PRO A 190 -6.11 15.43 17.95
N ASN A 191 -5.15 16.14 18.52
CA ASN A 191 -4.23 16.96 17.75
C ASN A 191 -3.08 16.09 17.22
N LEU A 192 -2.47 16.55 16.12
CA LEU A 192 -1.35 15.82 15.53
C LEU A 192 -0.18 15.70 16.50
N ASP A 193 0.06 16.72 17.32
CA ASP A 193 1.17 16.65 18.26
C ASP A 193 1.00 15.49 19.23
N GLU A 194 -0.19 15.37 19.82
CA GLU A 194 -0.43 14.31 20.80
C GLU A 194 -0.31 12.93 20.15
N ILE A 195 -0.81 12.78 18.92
CA ILE A 195 -0.73 11.51 18.22
C ILE A 195 0.72 11.14 17.94
N ALA A 196 1.45 12.06 17.32
CA ALA A 196 2.83 11.78 16.91
C ALA A 196 3.74 11.56 18.10
N GLU A 197 3.46 12.17 19.25
CA GLU A 197 4.33 11.97 20.40
C GLU A 197 4.28 10.53 20.90
N LEU A 198 3.18 9.82 20.65
CA LEU A 198 3.02 8.44 21.11
C LEU A 198 3.66 7.43 20.18
N LEU A 199 4.15 7.84 19.01
CA LEU A 199 4.62 6.90 17.99
C LEU A 199 6.14 6.77 18.03
N SER A 200 6.63 5.64 17.51
CA SER A 200 8.05 5.35 17.53
C SER A 200 8.39 4.47 16.33
N ARG A 201 9.63 3.99 16.29
CA ARG A 201 10.13 3.19 15.15
C ARG A 201 9.20 2.01 14.81
N ASP A 203 6.12 2.27 13.56
CA ASP A 203 4.81 2.88 13.47
C ASP A 203 4.72 3.69 12.16
N ILE A 204 3.53 3.72 11.58
CA ILE A 204 3.31 4.30 10.25
C ILE A 204 2.13 5.26 10.34
N ILE A 205 2.34 6.51 9.95
CA ILE A 205 1.24 7.46 9.80
C ILE A 205 0.78 7.42 8.36
N THR A 206 -0.48 7.03 8.16
CA THR A 206 -1.06 7.05 6.81
C THR A 206 -1.91 8.31 6.62
N HIS A 207 -2.35 8.53 5.37
CA HIS A 207 -2.92 9.81 4.92
C HIS A 207 -1.95 10.95 5.15
N CYS A 208 -0.66 10.69 4.91
CA CYS A 208 0.39 11.61 5.35
C CYS A 208 0.37 12.95 4.63
N TYR A 209 -0.33 13.08 3.52
CA TYR A 209 -0.42 14.35 2.81
C TYR A 209 -1.86 14.85 2.76
N ASN A 210 -2.66 14.53 3.79
CA ASN A 210 -4.00 15.09 3.88
C ASN A 210 -3.96 16.60 4.05
N GLY A 211 -5.01 17.26 3.59
CA GLY A 211 -5.18 18.70 3.74
C GLY A 211 -6.08 19.10 4.88
N LYS A 212 -6.40 18.18 5.78
CA LYS A 212 -7.25 18.44 6.94
C LYS A 212 -6.44 19.13 8.04
N PRO A 213 -7.07 19.55 9.14
CA PRO A 213 -6.30 20.30 10.16
C PRO A 213 -5.12 19.53 10.74
N ASN A 214 -5.17 18.20 10.78
CA ASN A 214 -4.04 17.42 11.30
C ASN A 214 -3.05 17.07 10.21
N ARG A 215 -2.83 18.01 9.29
CA ARG A 215 -1.81 17.88 8.25
C ARG A 215 -0.41 18.01 8.86
N ILE A 216 0.58 17.46 8.15
CA ILE A 216 1.93 17.46 8.69
C ILE A 216 2.63 18.81 8.53
N LEU A 217 2.02 19.77 7.83
CA LEU A 217 2.57 21.11 7.67
C LEU A 217 1.84 22.08 8.60
N ASN A 218 2.58 23.02 9.19
CA ASN A 218 1.96 24.07 9.99
C ASN A 218 1.40 25.15 9.06
N PRO A 219 0.66 26.12 9.59
CA PRO A 219 0.09 27.14 8.69
C PRO A 219 1.12 28.01 8.00
N ALA A 220 2.38 28.01 8.47
CA ALA A 220 3.43 28.75 7.80
C ALA A 220 4.06 27.98 6.65
N GLY A 221 3.57 26.78 6.35
CA GLY A 221 4.11 25.99 5.27
C GLY A 221 5.33 25.18 5.61
N GLU A 222 5.65 25.02 6.89
CA GLU A 222 6.79 24.24 7.34
C GLU A 222 6.32 22.96 8.01
N LEU A 223 7.25 22.03 8.17
CA LEU A 223 6.89 20.76 8.81
C LEU A 223 6.65 20.99 10.29
N ARG A 224 5.63 20.32 10.83
CA ARG A 224 5.42 20.38 12.27
C ARG A 224 6.61 19.76 12.98
N SER A 225 7.04 20.39 14.07
CA SER A 225 8.18 19.87 14.80
C SER A 225 7.91 18.48 15.39
N SER A 226 6.65 18.21 15.73
CA SER A 226 6.31 16.85 16.19
C SER A 226 6.57 15.82 15.10
N ILE A 227 6.28 16.17 13.84
CA ILE A 227 6.51 15.24 12.74
C ILE A 227 8.01 15.09 12.50
N THR A 228 8.77 16.18 12.64
CA THR A 228 10.23 16.08 12.52
C THR A 228 10.82 15.14 13.56
N ARG A 229 10.42 15.30 14.83
CA ARG A 229 10.93 14.39 15.87
C ARG A 229 10.46 12.96 15.64
N ALA A 230 9.22 12.77 15.16
CA ALA A 230 8.72 11.43 14.90
C ALA A 230 9.56 10.75 13.82
N LEU A 231 9.81 11.46 12.72
CA LEU A 231 10.71 10.94 11.69
C LEU A 231 12.09 10.64 12.27
N HIS A 232 12.57 11.50 13.19
CA HIS A 232 13.85 11.24 13.82
C HIS A 232 13.84 9.91 14.57
N ARG A 233 12.70 9.58 15.20
CA ARG A 233 12.58 8.34 15.96
C ARG A 233 12.32 7.11 15.08
N GLY A 234 12.05 7.29 13.79
CA GLY A 234 11.85 6.17 12.89
C GLY A 234 10.42 5.97 12.43
N VAL A 235 9.50 6.86 12.79
CA VAL A 235 8.13 6.77 12.29
C VAL A 235 8.14 7.04 10.79
N ARG A 236 7.29 6.30 10.06
CA ARG A 236 7.25 6.38 8.61
C ARG A 236 5.94 6.97 8.13
N LEU A 237 5.98 7.58 6.95
CA LEU A 237 4.81 8.20 6.34
C LEU A 237 4.30 7.31 5.20
N ASP A 238 3.01 6.99 5.24
CA ASP A 238 2.33 6.28 4.16
C ASP A 238 1.27 7.19 3.55
N VAL A 239 1.11 7.12 2.23
CA VAL A 239 0.28 8.12 1.54
C VAL A 239 -1.19 7.87 1.82
N GLY A 240 -1.67 6.64 1.58
CA GLY A 240 -3.08 6.32 1.77
C GLY A 240 -4.02 7.32 1.13
N HIS A 241 -3.86 7.55 -0.17
CA HIS A 241 -4.56 8.57 -0.94
C HIS A 241 -6.03 8.74 -0.55
N GLY A 242 -6.84 7.70 -0.81
CA GLY A 242 -8.22 7.71 -0.41
C GLY A 242 -9.08 8.74 -1.12
N THR A 243 -10.31 8.86 -0.61
CA THR A 243 -11.26 9.80 -1.19
C THR A 243 -11.04 11.22 -0.68
N ALA A 244 -10.59 11.37 0.57
CA ALA A 244 -10.46 12.71 1.15
C ALA A 244 -9.12 12.91 1.87
N SER A 245 -8.10 12.10 1.56
CA SER A 245 -6.86 12.11 2.34
C SER A 245 -5.61 12.50 1.56
N PHE A 246 -5.72 13.02 0.34
CA PHE A 246 -4.54 13.45 -0.41
C PHE A 246 -4.74 14.83 -1.00
N SER A 247 -3.82 15.74 -0.70
CA SER A 247 -3.81 17.08 -1.27
C SER A 247 -2.55 17.24 -2.12
N PHE A 248 -2.74 17.58 -3.40
CA PHE A 248 -1.60 17.90 -4.27
C PHE A 248 -0.74 19.00 -3.68
N GLU A 249 -1.36 20.04 -3.11
CA GLU A 249 -0.59 21.18 -2.62
C GLU A 249 0.21 20.83 -1.37
N VAL A 250 -0.40 20.06 -0.46
CA VAL A 250 0.34 19.58 0.70
C VAL A 250 1.50 18.72 0.27
N ALA A 251 1.27 17.83 -0.69
CA ALA A 251 2.31 16.89 -1.11
C ALA A 251 3.45 17.61 -1.81
N ARG A 252 3.13 18.56 -2.70
CA ARG A 252 4.14 19.37 -3.34
C ARG A 252 4.99 20.11 -2.31
N ARG A 253 4.35 20.72 -1.32
CA ARG A 253 5.12 21.49 -0.35
C ARG A 253 5.99 20.57 0.51
N ALA A 254 5.44 19.45 0.99
CA ALA A 254 6.25 18.53 1.79
C ALA A 254 7.40 17.97 0.99
N ILE A 255 7.17 17.63 -0.28
CA ILE A 255 8.24 17.11 -1.13
C ILE A 255 9.31 18.17 -1.39
N ALA A 256 8.92 19.45 -1.46
CA ALA A 256 9.93 20.51 -1.58
C ALA A 256 10.73 20.67 -0.29
N LEU A 257 10.14 20.31 0.85
CA LEU A 257 10.87 20.36 2.11
C LEU A 257 11.73 19.12 2.33
N GLY A 258 11.84 18.25 1.34
CA GLY A 258 12.59 17.02 1.51
C GLY A 258 11.88 15.95 2.29
N ILE A 259 10.55 16.03 2.40
CA ILE A 259 9.79 15.06 3.18
C ILE A 259 9.02 14.15 2.23
N LEU A 260 9.71 13.14 1.69
CA LEU A 260 9.12 12.21 0.74
C LEU A 260 8.41 11.09 1.47
N PRO A 261 7.41 10.46 0.84
CA PRO A 261 6.74 9.35 1.51
C PRO A 261 7.67 8.16 1.60
N HIS A 262 7.57 7.43 2.71
CA HIS A 262 8.25 6.15 2.78
C HIS A 262 7.55 5.15 1.86
N THR A 263 6.23 5.04 1.98
CA THR A 263 5.45 4.17 1.11
C THR A 263 4.33 4.96 0.45
N ILE A 264 4.01 4.56 -0.78
CA ILE A 264 2.84 5.06 -1.50
C ILE A 264 1.77 3.99 -1.46
N SER A 265 0.55 4.39 -1.12
CA SER A 265 -0.57 3.47 -1.00
C SER A 265 -1.83 4.24 -1.37
N SER A 266 -2.90 3.50 -1.67
CA SER A 266 -4.04 4.05 -2.39
C SER A 266 -5.22 4.38 -1.50
N ASP A 267 -5.40 3.66 -0.39
CA ASP A 267 -6.64 3.71 0.40
C ASP A 267 -7.85 3.45 -0.50
N ILE A 268 -7.72 2.40 -1.30
CA ILE A 268 -8.67 2.11 -2.37
C ILE A 268 -9.79 1.22 -1.84
N TYR A 269 -11.00 1.48 -2.31
CA TYR A 269 -12.11 0.55 -2.19
C TYR A 269 -12.94 0.70 -3.44
N CYS A 270 -14.04 -0.05 -3.52
CA CYS A 270 -14.73 -0.17 -4.81
C CYS A 270 -15.15 1.20 -5.34
N ARG A 271 -15.63 2.08 -4.46
CA ARG A 271 -16.19 3.35 -4.95
C ARG A 271 -15.11 4.27 -5.49
N ASN A 272 -14.03 4.50 -4.73
CA ASN A 272 -13.03 5.41 -5.26
C ASN A 272 -12.12 4.75 -6.30
N ARG A 273 -12.20 3.42 -6.45
CA ARG A 273 -11.61 2.80 -7.63
C ARG A 273 -12.45 3.09 -8.87
N ILE A 274 -13.74 2.77 -8.83
CA ILE A 274 -14.57 2.91 -10.01
C ILE A 274 -14.89 4.38 -10.30
N ASP A 275 -15.16 5.17 -9.26
CA ASP A 275 -15.66 6.54 -9.40
C ASP A 275 -14.73 7.61 -8.85
N GLY A 276 -14.07 7.35 -7.73
CA GLY A 276 -13.39 8.36 -6.96
C GLY A 276 -12.04 8.74 -7.53
N PRO A 277 -11.29 9.55 -6.78
CA PRO A 277 -10.02 10.07 -7.28
C PRO A 277 -8.86 9.08 -7.19
N VAL A 278 -9.07 7.86 -6.70
CA VAL A 278 -7.95 6.94 -6.48
C VAL A 278 -7.67 6.13 -7.73
N ARG A 279 -8.69 5.40 -8.21
CA ARG A 279 -8.66 4.61 -9.44
C ARG A 279 -7.76 3.37 -9.37
N SER A 280 -6.48 3.54 -9.03
CA SER A 280 -5.55 2.43 -8.94
C SER A 280 -4.28 2.91 -8.27
N LEU A 281 -3.48 1.95 -7.77
CA LEU A 281 -2.18 2.30 -7.23
C LEU A 281 -1.29 2.89 -8.31
N ALA A 282 -1.42 2.39 -9.54
CA ALA A 282 -0.65 2.94 -10.64
C ALA A 282 -0.92 4.43 -10.82
N LEU A 283 -2.18 4.85 -10.69
CA LEU A 283 -2.50 6.27 -10.90
C LEU A 283 -2.00 7.14 -9.74
N VAL A 284 -2.08 6.63 -8.52
CA VAL A 284 -1.51 7.34 -7.37
C VAL A 284 0.00 7.53 -7.54
N MET A 285 0.70 6.43 -7.86
CA MET A 285 2.12 6.50 -8.17
C MET A 285 2.39 7.54 -9.25
N SER A 286 1.54 7.58 -10.29
CA SER A 286 1.74 8.53 -11.37
C SER A 286 1.63 9.97 -10.86
N LYS A 287 0.72 10.21 -9.91
CA LYS A 287 0.63 11.55 -9.31
C LYS A 287 1.96 11.93 -8.67
N PHE A 288 2.61 10.97 -8.01
CA PHE A 288 3.89 11.33 -7.40
C PHE A 288 5.00 11.52 -8.44
N LEU A 289 4.93 10.80 -9.56
CA LEU A 289 5.83 11.09 -10.68
C LEU A 289 5.61 12.51 -11.20
N ALA A 290 4.35 12.94 -11.26
CA ALA A 290 4.02 14.28 -11.75
C ALA A 290 4.49 15.37 -10.79
N ILE A 291 4.48 15.09 -9.48
CA ILE A 291 5.00 16.06 -8.52
C ILE A 291 6.52 16.15 -8.60
N GLY A 292 7.20 15.12 -9.11
CA GLY A 292 8.62 15.25 -9.37
C GLY A 292 9.50 14.14 -8.84
N MET A 293 8.94 13.18 -8.13
CA MET A 293 9.73 12.03 -7.70
C MET A 293 10.17 11.20 -8.91
N THR A 294 11.34 10.57 -8.80
CA THR A 294 11.84 9.72 -9.87
C THR A 294 11.10 8.39 -9.88
N LEU A 295 11.19 7.70 -11.02
CA LEU A 295 10.58 6.37 -11.09
C LEU A 295 11.20 5.39 -10.08
N PRO A 296 12.52 5.30 -9.90
CA PRO A 296 13.05 4.44 -8.83
C PRO A 296 12.47 4.75 -7.46
N GLN A 297 12.25 6.02 -7.13
CA GLN A 297 11.70 6.37 -5.82
C GLN A 297 10.28 5.86 -5.66
N VAL A 298 9.43 6.10 -6.65
CA VAL A 298 8.04 5.65 -6.58
C VAL A 298 7.96 4.13 -6.50
N ILE A 299 8.78 3.45 -7.30
CA ILE A 299 8.79 1.98 -7.28
C ILE A 299 9.28 1.46 -5.94
N ASP A 300 10.31 2.09 -5.37
CA ASP A 300 10.74 1.75 -4.02
C ASP A 300 9.59 1.92 -3.02
N CYS A 301 8.84 3.01 -3.16
CA CYS A 301 7.70 3.25 -2.28
C CYS A 301 6.66 2.16 -2.35
N VAL A 302 6.60 1.39 -3.44
CA VAL A 302 5.58 0.33 -3.50
C VAL A 302 6.21 -1.07 -3.51
N THR A 303 7.51 -1.18 -3.29
CA THR A 303 8.15 -2.51 -3.25
C THR A 303 8.99 -2.68 -1.99
N VAL A 304 10.27 -2.32 -2.05
CA VAL A 304 11.19 -2.64 -0.96
C VAL A 304 10.77 -1.91 0.32
N SER A 305 10.34 -0.65 0.20
CA SER A 305 9.97 0.13 1.37
C SER A 305 8.68 -0.40 1.98
N ALA A 306 7.71 -0.75 1.14
CA ALA A 306 6.47 -1.33 1.66
C ALA A 306 6.74 -2.66 2.35
N ALA A 307 7.57 -3.51 1.75
CA ALA A 307 7.86 -4.79 2.37
C ALA A 307 8.63 -4.62 3.67
N GLU A 308 9.57 -3.68 3.72
CA GLU A 308 10.28 -3.44 4.98
C GLU A 308 9.34 -2.92 6.05
N GLY A 309 8.46 -1.98 5.70
CA GLY A 309 7.62 -1.34 6.70
C GLY A 309 6.62 -2.28 7.34
N LEU A 310 6.21 -3.33 6.61
CA LEU A 310 5.28 -4.32 7.15
C LEU A 310 5.96 -5.65 7.41
N ARG A 311 7.30 -5.70 7.33
CA ARG A 311 8.09 -6.89 7.64
C ARG A 311 7.69 -8.10 6.79
N LEU A 312 7.43 -7.85 5.50
CA LEU A 312 7.09 -8.91 4.54
C LEU A 312 8.41 -9.44 3.97
N SER A 313 8.95 -10.45 4.65
CA SER A 313 10.37 -10.77 4.51
C SER A 313 10.76 -11.20 3.09
N ARG A 314 9.89 -11.93 2.39
CA ARG A 314 10.23 -12.44 1.07
C ARG A 314 9.56 -11.68 -0.07
N LYS A 315 8.93 -10.55 0.21
CA LYS A 315 8.29 -9.74 -0.81
C LYS A 315 9.11 -8.47 -1.06
N GLY A 316 8.77 -7.78 -2.15
CA GLY A 316 9.26 -6.44 -2.41
C GLY A 316 10.66 -6.33 -2.98
N ARG A 317 11.38 -7.43 -3.19
CA ARG A 317 12.76 -7.36 -3.64
C ARG A 317 12.95 -8.20 -4.89
N LEU A 318 13.54 -7.57 -5.92
CA LEU A 318 13.95 -8.27 -7.15
C LEU A 318 15.33 -8.87 -6.94
N GLU A 319 15.38 -9.90 -6.10
CA GLU A 319 16.61 -10.59 -5.76
C GLU A 319 16.42 -12.10 -5.82
N ALA A 320 17.51 -12.80 -6.14
CA ALA A 320 17.47 -14.25 -6.19
C ALA A 320 17.01 -14.83 -4.86
N GLY A 321 16.10 -15.80 -4.94
CA GLY A 321 15.61 -16.50 -3.78
C GLY A 321 14.35 -15.91 -3.16
N PHE A 322 13.99 -14.68 -3.51
CA PHE A 322 12.77 -14.11 -3.01
C PHE A 322 11.58 -14.62 -3.83
N ASP A 323 10.37 -14.32 -3.33
CA ASP A 323 9.15 -14.77 -4.00
C ASP A 323 9.07 -14.20 -5.40
N ALA A 324 8.60 -15.03 -6.34
CA ALA A 324 8.51 -14.61 -7.73
C ALA A 324 7.22 -13.81 -7.97
N ASP A 325 7.10 -12.70 -7.24
CA ASP A 325 6.07 -11.70 -7.47
C ASP A 325 6.70 -10.56 -8.25
N LEU A 326 6.16 -10.30 -9.44
CA LEU A 326 6.69 -9.26 -10.33
C LEU A 326 5.55 -8.44 -10.89
N THR A 327 5.84 -7.18 -11.20
CA THR A 327 4.90 -6.34 -11.93
C THR A 327 5.53 -5.90 -13.24
N LEU A 328 4.82 -6.09 -14.35
CA LEU A 328 5.25 -5.66 -15.67
C LEU A 328 4.38 -4.48 -16.08
N PHE A 329 5.03 -3.36 -16.40
CA PHE A 329 4.29 -2.13 -16.60
C PHE A 329 5.00 -1.25 -17.62
N ARG A 330 4.33 -0.19 -18.04
CA ARG A 330 4.88 0.75 -19.00
C ARG A 330 4.64 2.16 -18.49
N LEU A 331 5.54 3.07 -18.85
CA LEU A 331 5.34 4.50 -18.67
C LEU A 331 4.94 5.05 -20.02
N GLU A 332 3.63 5.26 -20.22
CA GLU A 332 3.11 5.62 -21.52
C GLU A 332 2.77 7.10 -21.56
N ARG A 333 3.13 7.73 -22.67
CA ARG A 333 2.76 9.12 -22.92
C ARG A 333 1.28 9.15 -23.25
N GLN A 334 0.47 9.57 -22.27
CA GLN A 334 -0.98 9.64 -22.43
C GLN A 334 -1.50 10.76 -21.55
N PRO A 335 -1.61 11.98 -22.11
CA PRO A 335 -2.23 13.10 -21.37
C PRO A 335 -3.42 12.71 -20.52
N THR A 336 -3.38 13.05 -19.24
CA THR A 336 -4.37 12.58 -18.27
C THR A 336 -4.53 13.61 -17.17
N LEU A 337 -5.75 13.80 -16.70
CA LEU A 337 -6.01 14.67 -15.56
C LEU A 337 -6.02 13.83 -14.29
N LEU A 338 -5.10 14.14 -13.37
CA LEU A 338 -5.04 13.49 -12.07
C LEU A 338 -5.72 14.39 -11.05
N VAL A 339 -6.68 13.84 -10.31
CA VAL A 339 -7.49 14.61 -9.38
C VAL A 339 -7.20 14.13 -7.97
N ASP A 340 -6.93 15.06 -7.06
CA ASP A 340 -6.64 14.72 -5.67
C ASP A 340 -7.93 14.75 -4.86
N ALA A 341 -7.80 14.68 -3.54
CA ALA A 341 -8.95 14.66 -2.65
C ALA A 341 -9.58 16.04 -2.45
N GLU A 342 -8.84 17.12 -2.71
CA GLU A 342 -9.36 18.47 -2.64
C GLU A 342 -10.02 18.90 -3.94
N LYS A 343 -10.31 17.96 -4.84
CA LYS A 343 -10.88 18.26 -6.16
C LYS A 343 -9.97 19.16 -6.99
N GLU A 344 -8.66 19.08 -6.79
CA GLU A 344 -7.72 19.85 -7.60
C GLU A 344 -7.17 18.98 -8.72
N SER A 345 -7.17 19.50 -9.93
CA SER A 345 -6.73 18.76 -11.11
C SER A 345 -5.27 19.07 -11.41
N LEU A 346 -4.60 18.11 -12.03
CA LEU A 346 -3.21 18.27 -12.46
C LEU A 346 -3.04 17.52 -13.76
N GLN A 347 -2.63 18.24 -14.81
CA GLN A 347 -2.39 17.60 -16.10
C GLN A 347 -1.05 16.90 -16.08
N ALA A 348 -1.03 15.62 -16.47
CA ALA A 348 0.19 14.83 -16.53
C ALA A 348 0.33 14.26 -17.93
N ASP A 349 1.56 14.18 -18.40
CA ASP A 349 1.81 13.67 -19.74
C ASP A 349 2.07 12.17 -19.76
N ASN A 350 2.55 11.61 -18.65
CA ASN A 350 2.88 10.19 -18.57
C ASN A 350 2.14 9.56 -17.40
N ILE A 351 1.75 8.30 -17.58
CA ILE A 351 1.12 7.53 -16.52
C ILE A 351 1.65 6.11 -16.57
N LEU A 352 1.74 5.49 -15.39
CA LEU A 352 2.11 4.09 -15.31
C LEU A 352 0.92 3.23 -15.74
N VAL A 353 1.18 2.28 -16.63
CA VAL A 353 0.16 1.36 -17.14
C VAL A 353 0.60 -0.06 -16.82
N PRO A 354 -0.03 -0.69 -15.82
CA PRO A 354 0.33 -2.08 -15.49
C PRO A 354 -0.13 -3.03 -16.57
N LEU A 355 0.79 -3.87 -17.03
CA LEU A 355 0.51 -4.80 -18.13
C LEU A 355 0.31 -6.22 -17.65
N ALA A 356 0.98 -6.61 -16.58
CA ALA A 356 0.82 -7.96 -16.07
C ALA A 356 1.28 -8.03 -14.63
N ALA A 357 0.71 -8.97 -13.89
CA ALA A 357 1.19 -9.34 -12.56
C ALA A 357 1.66 -10.78 -12.61
N ILE A 358 2.85 -11.04 -12.06
CA ILE A 358 3.35 -12.40 -11.88
C ILE A 358 3.27 -12.70 -10.39
N ARG A 359 2.60 -13.79 -10.07
CA ARG A 359 2.34 -14.14 -8.68
C ARG A 359 2.74 -15.60 -8.48
N ALA A 360 3.73 -15.81 -7.60
CA ALA A 360 4.27 -17.15 -7.35
C ALA A 360 4.79 -17.78 -8.64
N GLY A 361 5.28 -16.95 -9.56
CA GLY A 361 5.79 -17.42 -10.83
C GLY A 361 4.75 -17.61 -11.92
N LYS A 362 3.49 -17.29 -11.66
CA LYS A 362 2.44 -17.46 -12.66
C LYS A 362 1.98 -16.09 -13.15
N GLY A 363 1.94 -15.92 -14.47
CA GLY A 363 1.58 -14.63 -15.04
C GLY A 363 0.09 -14.43 -15.27
N TYR A 364 -0.36 -13.19 -15.09
CA TYR A 364 -1.74 -12.77 -15.33
C TYR A 364 -1.72 -11.41 -16.01
N LEU A 365 -2.14 -11.36 -17.27
CA LEU A 365 -2.29 -10.08 -17.97
C LEU A 365 -3.38 -9.25 -17.30
N THR A 366 -3.15 -7.93 -17.23
CA THR A 366 -4.22 -7.00 -16.89
C THR A 366 -5.07 -6.74 -18.13
N GLU A 367 -6.14 -5.97 -17.96
CA GLU A 367 -6.96 -5.58 -19.09
C GLU A 367 -6.11 -4.89 -20.16
N GLN A 368 -5.32 -3.91 -19.75
CA GLN A 368 -4.44 -3.20 -20.67
C GLN A 368 -3.39 -4.11 -21.27
N GLY A 369 -2.88 -5.06 -20.48
CA GLY A 369 -1.93 -6.02 -21.01
C GLY A 369 -2.52 -6.91 -22.09
N SER A 370 -3.78 -7.33 -21.91
CA SER A 370 -4.44 -8.09 -22.95
C SER A 370 -4.68 -7.21 -24.19
N ALA A 371 -5.13 -5.97 -23.98
CA ALA A 371 -5.39 -5.07 -25.10
C ALA A 371 -4.14 -4.86 -25.94
N GLU A 372 -3.04 -4.47 -25.31
CA GLU A 372 -1.78 -4.26 -26.05
C GLU A 372 -1.20 -5.54 -26.62
N HIS A 373 -1.69 -6.72 -26.17
CA HIS A 373 -1.15 -8.01 -26.56
C HIS A 373 0.29 -8.15 -26.10
N ALA A 374 1.23 -7.88 -27.00
CA ALA A 374 2.67 -7.91 -26.73
C ALA A 374 3.15 -9.29 -26.30
N PHE A 375 2.63 -9.81 -25.19
CA PHE A 375 3.07 -11.11 -24.69
C PHE A 375 1.91 -11.78 -23.98
N ASP A 376 2.04 -13.09 -23.81
CA ASP A 376 1.04 -13.91 -23.15
C ASP A 376 1.74 -14.98 -22.32
N PHE A 377 1.03 -15.50 -21.33
CA PHE A 377 1.59 -16.48 -20.41
C PHE A 377 1.07 -17.88 -20.69
#